data_4PPY
#
_entry.id   4PPY
#
_cell.length_a   202.731
_cell.length_b   62.213
_cell.length_c   61.009
_cell.angle_alpha   90.000
_cell.angle_beta   95.900
_cell.angle_gamma   90.000
#
_symmetry.space_group_name_H-M   'C 1 2 1'
#
loop_
_entity.id
_entity.type
_entity.pdbx_description
1 polymer 'Putative acylhydrolase'
2 water water
#
_entity_poly.entity_id   1
_entity_poly.type   'polypeptide(L)'
_entity_poly.pdbx_seq_one_letter_code
;GQEKDWANLQRYAQQNAELPKPDKNEKRVVF(MSE)GNSITEGWVNTHPDFFKSNGYIGRGIGGQTSYQFLVRFREDVIN
LSPALVVINAATNDIAENTGAYHEDRTFGNIVS(MSE)VELAKANHIKVILTTTLPAAAFGWNPSIKDAPQKIASLNARL
KAYAQTNKIPFVDYYSS(MSE)VSGSNKALNPAYTKDGVHPTSEGYDV(MSE)ENLIQQAINKTLR
;
_entity_poly.pdbx_strand_id   A,B,C
#
# COMPACT_ATOMS: atom_id res chain seq x y z
N GLN A 2 17.39 -19.52 9.29
CA GLN A 2 16.05 -18.86 9.42
C GLN A 2 16.12 -17.46 8.81
N GLU A 3 15.46 -17.28 7.67
CA GLU A 3 15.47 -15.98 7.00
C GLU A 3 14.37 -15.08 7.54
N LYS A 4 14.77 -14.01 8.19
CA LYS A 4 13.85 -13.12 8.90
C LYS A 4 13.17 -12.16 7.91
N ASP A 5 11.92 -11.83 8.20
CA ASP A 5 11.11 -10.90 7.39
C ASP A 5 11.16 -11.25 5.88
N TRP A 6 10.90 -12.50 5.61
CA TRP A 6 10.99 -13.07 4.27
C TRP A 6 10.09 -12.33 3.27
N ALA A 7 8.93 -11.86 3.73
CA ALA A 7 8.02 -11.12 2.86
C ALA A 7 8.18 -9.61 2.89
N ASN A 8 9.19 -9.12 3.61
CA ASN A 8 9.53 -7.71 3.65
C ASN A 8 8.35 -6.84 4.08
N LEU A 9 7.75 -7.22 5.20
CA LEU A 9 6.71 -6.41 5.82
C LEU A 9 7.25 -5.04 6.28
N GLN A 10 8.54 -4.95 6.54
CA GLN A 10 9.17 -3.70 6.96
C GLN A 10 9.11 -2.62 5.87
N ARG A 11 9.07 -3.03 4.60
CA ARG A 11 9.09 -2.08 3.51
C ARG A 11 8.00 -0.99 3.62
N TYR A 12 6.77 -1.39 3.92
CA TYR A 12 5.64 -0.43 4.01
C TYR A 12 5.06 -0.26 5.42
N ALA A 13 5.69 -0.88 6.43
CA ALA A 13 5.14 -0.82 7.79
C ALA A 13 4.89 0.61 8.31
N GLN A 14 5.88 1.49 8.18
CA GLN A 14 5.74 2.87 8.65
C GLN A 14 4.70 3.64 7.84
N GLN A 15 4.73 3.45 6.52
CA GLN A 15 3.79 4.09 5.60
C GLN A 15 2.35 3.71 5.90
N ASN A 16 2.12 2.41 6.12
CA ASN A 16 0.80 1.91 6.45
C ASN A 16 0.30 2.55 7.75
N ALA A 17 1.20 2.67 8.72
CA ALA A 17 0.85 3.20 10.03
C ALA A 17 0.46 4.69 10.00
N GLU A 18 1.00 5.44 9.04
CA GLU A 18 0.71 6.88 8.88
C GLU A 18 -0.49 7.18 7.96
N LEU A 19 -0.99 6.17 7.27
CA LEU A 19 -2.19 6.33 6.43
C LEU A 19 -3.44 6.40 7.28
N PRO A 20 -4.20 7.51 7.21
CA PRO A 20 -5.47 7.51 7.92
C PRO A 20 -6.48 6.56 7.26
N LYS A 21 -7.53 6.19 8.00
CA LYS A 21 -8.61 5.43 7.41
C LYS A 21 -9.11 6.26 6.23
N PRO A 22 -9.67 5.59 5.21
CA PRO A 22 -10.19 6.39 4.11
C PRO A 22 -11.40 7.29 4.47
N ASP A 23 -11.62 8.38 3.73
CA ASP A 23 -12.69 9.32 4.07
C ASP A 23 -14.00 8.61 3.80
N LYS A 24 -15.07 9.14 4.38
CA LYS A 24 -16.41 8.56 4.26
C LYS A 24 -16.79 8.26 2.81
N ASN A 25 -16.57 9.23 1.93
CA ASN A 25 -16.89 9.11 0.51
C ASN A 25 -15.79 8.46 -0.35
N GLU A 26 -14.67 8.07 0.27
CA GLU A 26 -13.48 7.71 -0.49
C GLU A 26 -13.51 6.28 -1.00
N LYS A 27 -13.07 6.13 -2.25
CA LYS A 27 -12.79 4.80 -2.81
C LYS A 27 -11.31 4.58 -3.10
N ARG A 28 -10.62 4.24 -2.02
CA ARG A 28 -9.18 3.97 -2.00
C ARG A 28 -8.82 2.75 -2.82
N VAL A 29 -7.83 2.88 -3.70
CA VAL A 29 -7.36 1.78 -4.53
C VAL A 29 -5.90 1.47 -4.17
N VAL A 30 -5.62 0.19 -3.90
CA VAL A 30 -4.24 -0.26 -3.65
C VAL A 30 -3.76 -1.10 -4.83
N PHE A 31 -2.54 -0.83 -5.29
CA PHE A 31 -1.89 -1.61 -6.34
C PHE A 31 -0.88 -2.58 -5.71
N GLY A 33 1.88 -5.57 -6.24
CA GLY A 33 2.77 -6.12 -7.25
C GLY A 33 4.25 -6.12 -6.87
N ASN A 34 5.08 -6.27 -7.90
CA ASN A 34 6.51 -6.42 -7.76
C ASN A 34 7.21 -5.11 -8.21
N SER A 35 8.39 -5.21 -8.84
CA SER A 35 9.13 -4.03 -9.31
C SER A 35 8.44 -3.28 -10.45
N ILE A 36 7.55 -3.96 -11.18
CA ILE A 36 6.75 -3.26 -12.21
C ILE A 36 5.78 -2.27 -11.56
N THR A 37 5.19 -2.67 -10.45
CA THR A 37 4.28 -1.79 -9.69
C THR A 37 5.07 -0.77 -8.85
N GLU A 38 6.18 -1.20 -8.28
CA GLU A 38 7.04 -0.26 -7.54
C GLU A 38 7.61 0.80 -8.48
N GLY A 39 8.10 0.37 -9.65
CA GLY A 39 8.64 1.26 -10.67
C GLY A 39 7.61 2.22 -11.25
N TRP A 40 6.35 1.80 -11.24
CA TRP A 40 5.23 2.64 -11.70
C TRP A 40 5.15 3.92 -10.86
N VAL A 41 5.17 3.74 -9.55
CA VAL A 41 5.20 4.86 -8.60
C VAL A 41 6.47 5.69 -8.76
N ASN A 42 7.62 5.03 -8.91
CA ASN A 42 8.90 5.75 -9.09
C ASN A 42 8.95 6.58 -10.37
N THR A 43 8.31 6.08 -11.43
CA THR A 43 8.35 6.74 -12.74
C THR A 43 7.24 7.79 -12.89
N HIS A 44 6.02 7.45 -12.49
CA HIS A 44 4.89 8.37 -12.56
C HIS A 44 4.26 8.52 -11.18
N PRO A 45 4.99 9.16 -10.24
CA PRO A 45 4.43 9.34 -8.92
C PRO A 45 3.08 10.07 -8.92
N ASP A 46 2.90 10.98 -9.88
CA ASP A 46 1.71 11.82 -9.95
C ASP A 46 0.48 11.04 -10.43
N PHE A 47 0.67 9.91 -11.12
CA PHE A 47 -0.47 9.05 -11.49
C PHE A 47 -1.16 8.57 -10.22
N PHE A 48 -0.35 8.21 -9.24
CA PHE A 48 -0.87 7.74 -7.97
C PHE A 48 -1.38 8.88 -7.12
N LYS A 49 -0.60 9.95 -7.01
CA LYS A 49 -0.97 11.05 -6.12
C LYS A 49 -2.22 11.81 -6.61
N SER A 50 -2.32 12.07 -7.91
CA SER A 50 -3.46 12.79 -8.45
C SER A 50 -4.77 11.98 -8.41
N ASN A 51 -4.67 10.65 -8.38
CA ASN A 51 -5.86 9.77 -8.31
C ASN A 51 -6.19 9.25 -6.92
N GLY A 52 -5.29 9.50 -5.96
CA GLY A 52 -5.43 8.93 -4.62
C GLY A 52 -5.04 7.49 -4.45
N TYR A 53 -4.36 6.92 -5.45
CA TYR A 53 -4.07 5.49 -5.48
C TYR A 53 -2.87 5.25 -4.60
N ILE A 54 -2.81 4.05 -4.01
CA ILE A 54 -1.70 3.66 -3.13
C ILE A 54 -0.90 2.53 -3.78
N GLY A 55 0.41 2.75 -3.97
CA GLY A 55 1.27 1.72 -4.53
C GLY A 55 1.91 0.87 -3.45
N ARG A 56 1.73 -0.44 -3.53
CA ARG A 56 2.34 -1.35 -2.59
C ARG A 56 3.17 -2.43 -3.30
N GLY A 57 3.87 -2.02 -4.34
CA GLY A 57 4.80 -2.90 -5.04
C GLY A 57 6.14 -3.03 -4.33
N ILE A 58 6.72 -4.22 -4.38
CA ILE A 58 8.06 -4.47 -3.83
C ILE A 58 8.83 -5.28 -4.85
N GLY A 59 9.97 -4.72 -5.25
CA GLY A 59 10.82 -5.33 -6.27
C GLY A 59 11.26 -6.71 -5.85
N GLY A 60 11.34 -7.62 -6.81
CA GLY A 60 11.93 -8.93 -6.59
C GLY A 60 10.96 -9.98 -6.07
N GLN A 61 9.79 -9.56 -5.60
CA GLN A 61 8.90 -10.47 -4.92
C GLN A 61 8.06 -11.35 -5.82
N THR A 62 7.79 -12.55 -5.32
CA THR A 62 6.89 -13.50 -5.95
C THR A 62 5.52 -13.48 -5.30
N SER A 63 4.56 -14.14 -5.95
CA SER A 63 3.20 -14.27 -5.44
C SER A 63 3.14 -14.92 -4.04
N TYR A 64 4.13 -15.74 -3.70
CA TYR A 64 4.21 -16.37 -2.39
C TYR A 64 4.40 -15.31 -1.31
N GLN A 65 5.30 -14.36 -1.58
CA GLN A 65 5.53 -13.25 -0.68
C GLN A 65 4.37 -12.27 -0.65
N PHE A 66 3.75 -12.02 -1.80
CA PHE A 66 2.56 -11.17 -1.87
C PHE A 66 1.50 -11.67 -0.88
N LEU A 67 1.28 -12.98 -0.89
CA LEU A 67 0.25 -13.57 -0.05
C LEU A 67 0.52 -13.34 1.45
N VAL A 68 1.78 -13.49 1.85
CA VAL A 68 2.14 -13.26 3.24
C VAL A 68 1.90 -11.81 3.68
N ARG A 69 2.14 -10.84 2.79
CA ARG A 69 1.94 -9.45 3.19
C ARG A 69 0.61 -8.85 2.75
N PHE A 70 -0.29 -9.69 2.22
CA PHE A 70 -1.54 -9.20 1.68
C PHE A 70 -2.41 -8.53 2.75
N ARG A 71 -2.49 -9.13 3.94
CA ARG A 71 -3.30 -8.54 5.00
C ARG A 71 -2.79 -7.16 5.42
N GLU A 72 -1.48 -7.05 5.64
CA GLU A 72 -0.88 -5.81 6.12
C GLU A 72 -0.84 -4.70 5.07
N ASP A 73 -0.54 -5.05 3.82
CA ASP A 73 -0.33 -4.07 2.77
C ASP A 73 -1.58 -3.81 1.92
N VAL A 74 -2.59 -4.66 2.01
CA VAL A 74 -3.88 -4.42 1.33
C VAL A 74 -5.06 -4.34 2.31
N ILE A 75 -5.36 -5.44 2.99
CA ILE A 75 -6.59 -5.54 3.77
C ILE A 75 -6.68 -4.46 4.85
N ASN A 76 -5.59 -4.29 5.61
CA ASN A 76 -5.59 -3.33 6.72
C ASN A 76 -5.64 -1.85 6.31
N LEU A 77 -5.48 -1.57 5.02
CA LEU A 77 -5.62 -0.19 4.48
C LEU A 77 -7.08 0.16 4.15
N SER A 78 -7.97 -0.80 4.34
CA SER A 78 -9.40 -0.62 4.08
C SER A 78 -9.70 -0.08 2.69
N PRO A 79 -9.09 -0.69 1.65
CA PRO A 79 -9.36 -0.18 0.30
C PRO A 79 -10.74 -0.60 -0.22
N ALA A 80 -11.28 0.19 -1.14
CA ALA A 80 -12.44 -0.20 -1.91
C ALA A 80 -12.06 -1.26 -2.95
N LEU A 81 -10.83 -1.21 -3.42
CA LEU A 81 -10.41 -2.00 -4.56
C LEU A 81 -8.92 -2.32 -4.48
N VAL A 82 -8.55 -3.52 -4.90
CA VAL A 82 -7.16 -3.87 -5.07
C VAL A 82 -6.90 -4.29 -6.52
N VAL A 83 -5.83 -3.75 -7.10
CA VAL A 83 -5.34 -4.15 -8.42
C VAL A 83 -4.14 -5.08 -8.22
N ILE A 84 -4.20 -6.30 -8.77
CA ILE A 84 -3.15 -7.30 -8.58
C ILE A 84 -2.42 -7.57 -9.90
N ASN A 85 -1.12 -7.34 -9.90
CA ASN A 85 -0.23 -7.73 -10.98
C ASN A 85 0.87 -8.60 -10.38
N ALA A 86 0.98 -9.83 -10.85
CA ALA A 86 1.85 -10.81 -10.21
C ALA A 86 2.46 -11.79 -11.22
N ALA A 87 3.54 -12.45 -10.77
CA ALA A 87 4.08 -13.69 -11.38
C ALA A 87 5.32 -13.51 -12.25
N THR A 88 5.65 -12.27 -12.63
CA THR A 88 6.92 -12.04 -13.34
C THR A 88 8.05 -12.76 -12.60
N ASN A 89 8.15 -12.57 -11.30
CA ASN A 89 9.26 -13.13 -10.51
C ASN A 89 9.07 -14.59 -10.12
N ASP A 90 7.83 -15.06 -10.11
CA ASP A 90 7.55 -16.48 -9.96
C ASP A 90 8.19 -17.24 -11.12
N ILE A 91 7.97 -16.72 -12.32
CA ILE A 91 8.48 -17.35 -13.53
C ILE A 91 10.00 -17.16 -13.64
N ALA A 92 10.52 -16.05 -13.11
CA ALA A 92 11.96 -15.83 -12.97
C ALA A 92 12.60 -16.67 -11.85
N GLU A 93 11.76 -17.33 -11.05
CA GLU A 93 12.18 -18.27 -10.01
C GLU A 93 12.95 -17.58 -8.87
N ASN A 94 12.53 -16.37 -8.53
CA ASN A 94 13.16 -15.61 -7.46
C ASN A 94 13.07 -16.30 -6.09
N THR A 95 12.02 -17.07 -5.82
CA THR A 95 11.91 -17.80 -4.55
C THR A 95 11.95 -19.31 -4.68
N GLY A 96 12.33 -19.81 -5.85
CA GLY A 96 12.40 -21.24 -6.12
C GLY A 96 11.79 -21.63 -7.45
N ALA A 97 11.81 -22.92 -7.73
CA ALA A 97 11.28 -23.46 -9.00
C ALA A 97 9.84 -22.97 -9.26
N TYR A 98 9.54 -22.72 -10.53
CA TYR A 98 8.20 -22.26 -10.89
C TYR A 98 7.22 -23.42 -11.03
N HIS A 99 6.08 -23.30 -10.35
CA HIS A 99 4.95 -24.22 -10.48
C HIS A 99 3.73 -23.36 -10.79
N GLU A 100 3.19 -23.47 -12.00
CA GLU A 100 2.06 -22.64 -12.38
C GLU A 100 0.89 -22.83 -11.42
N ASP A 101 0.62 -24.09 -11.05
CA ASP A 101 -0.50 -24.38 -10.15
C ASP A 101 -0.42 -23.60 -8.85
N ARG A 102 0.80 -23.51 -8.29
CA ARG A 102 0.99 -22.83 -7.01
C ARG A 102 0.93 -21.32 -7.14
N THR A 103 1.58 -20.80 -8.17
CA THR A 103 1.53 -19.35 -8.44
C THR A 103 0.10 -18.89 -8.71
N PHE A 104 -0.61 -19.62 -9.56
CA PHE A 104 -2.03 -19.35 -9.81
C PHE A 104 -2.84 -19.41 -8.50
N GLY A 105 -2.58 -20.45 -7.71
CA GLY A 105 -3.25 -20.64 -6.42
C GLY A 105 -3.02 -19.50 -5.43
N ASN A 106 -1.83 -18.91 -5.45
CA ASN A 106 -1.54 -17.77 -4.59
C ASN A 106 -2.37 -16.54 -4.97
N ILE A 107 -2.57 -16.35 -6.27
CA ILE A 107 -3.39 -15.25 -6.78
C ILE A 107 -4.85 -15.48 -6.41
N VAL A 108 -5.31 -16.72 -6.56
CA VAL A 108 -6.66 -17.08 -6.12
C VAL A 108 -6.85 -16.81 -4.61
N SER A 109 -5.83 -17.14 -3.81
CA SER A 109 -5.89 -16.90 -2.36
C SER A 109 -6.05 -15.40 -2.05
N VAL A 111 -7.33 -13.16 -4.04
CA VAL A 111 -8.71 -12.81 -4.43
C VAL A 111 -9.71 -13.22 -3.34
N GLU A 112 -9.57 -14.44 -2.85
CA GLU A 112 -10.47 -14.96 -1.83
C GLU A 112 -10.39 -14.15 -0.52
N LEU A 113 -9.19 -13.73 -0.15
CA LEU A 113 -9.03 -12.87 1.03
C LEU A 113 -9.65 -11.48 0.80
N ALA A 114 -9.45 -10.91 -0.39
CA ALA A 114 -10.04 -9.61 -0.72
C ALA A 114 -11.56 -9.67 -0.63
N LYS A 115 -12.16 -10.68 -1.27
CA LYS A 115 -13.62 -10.82 -1.26
C LYS A 115 -14.16 -11.10 0.14
N ALA A 116 -13.42 -11.86 0.94
CA ALA A 116 -13.82 -12.12 2.33
C ALA A 116 -13.87 -10.82 3.14
N ASN A 117 -13.10 -9.83 2.72
CA ASN A 117 -13.06 -8.53 3.37
C ASN A 117 -13.77 -7.43 2.57
N HIS A 118 -14.62 -7.83 1.62
CA HIS A 118 -15.45 -6.91 0.84
C HIS A 118 -14.63 -5.85 0.11
N ILE A 119 -13.50 -6.30 -0.43
CA ILE A 119 -12.63 -5.47 -1.26
C ILE A 119 -12.83 -5.98 -2.68
N LYS A 120 -13.12 -5.06 -3.61
CA LYS A 120 -13.22 -5.44 -5.01
C LYS A 120 -11.84 -5.73 -5.59
N VAL A 121 -11.82 -6.51 -6.68
CA VAL A 121 -10.55 -6.93 -7.29
C VAL A 121 -10.53 -6.60 -8.78
N ILE A 122 -9.39 -6.14 -9.24
CA ILE A 122 -9.08 -6.15 -10.66
C ILE A 122 -7.83 -7.01 -10.84
N LEU A 123 -7.94 -8.04 -11.67
CA LEU A 123 -6.79 -8.88 -12.01
C LEU A 123 -6.21 -8.36 -13.31
N THR A 124 -4.91 -8.60 -13.49
CA THR A 124 -4.21 -8.10 -14.66
C THR A 124 -3.30 -9.18 -15.22
N THR A 125 -2.95 -9.06 -16.48
CA THR A 125 -1.96 -9.94 -17.10
C THR A 125 -0.55 -9.65 -16.58
N THR A 126 0.19 -10.71 -16.33
CA THR A 126 1.64 -10.66 -16.25
C THR A 126 2.16 -10.07 -17.56
N LEU A 127 3.06 -9.10 -17.45
CA LEU A 127 3.58 -8.44 -18.63
C LEU A 127 4.44 -9.40 -19.47
N PRO A 128 4.55 -9.12 -20.78
CA PRO A 128 5.44 -9.94 -21.61
C PRO A 128 6.91 -9.74 -21.23
N ALA A 129 7.67 -10.82 -21.35
CA ALA A 129 9.12 -10.77 -21.25
C ALA A 129 9.69 -11.91 -22.08
N ALA A 130 10.68 -11.61 -22.92
CA ALA A 130 11.38 -12.63 -23.66
C ALA A 130 12.32 -13.41 -22.73
N ALA A 131 12.87 -12.71 -21.74
CA ALA A 131 13.88 -13.25 -20.84
C ALA A 131 14.08 -12.31 -19.66
N PHE A 132 14.79 -12.79 -18.63
CA PHE A 132 15.06 -11.99 -17.44
C PHE A 132 16.57 -11.82 -17.30
N GLY A 133 17.02 -10.58 -17.29
CA GLY A 133 18.45 -10.27 -17.19
C GLY A 133 19.12 -10.84 -15.96
N TRP A 134 18.40 -10.85 -14.85
CA TRP A 134 18.95 -11.37 -13.57
C TRP A 134 18.91 -12.89 -13.46
N ASN A 135 18.19 -13.57 -14.36
CA ASN A 135 18.17 -15.03 -14.39
C ASN A 135 18.07 -15.56 -15.82
N PRO A 136 19.21 -15.54 -16.55
CA PRO A 136 19.22 -15.98 -17.94
C PRO A 136 18.99 -17.48 -18.16
N SER A 137 19.01 -18.29 -17.09
CA SER A 137 18.74 -19.73 -17.24
C SER A 137 17.28 -20.02 -17.65
N ILE A 138 16.38 -19.06 -17.46
CA ILE A 138 14.97 -19.24 -17.85
C ILE A 138 14.82 -18.97 -19.35
N LYS A 139 14.63 -20.05 -20.12
CA LYS A 139 14.59 -19.97 -21.58
C LYS A 139 13.17 -20.01 -22.16
N ASP A 140 12.16 -20.25 -21.32
CA ASP A 140 10.78 -20.42 -21.79
C ASP A 140 9.78 -19.49 -21.06
N ALA A 141 10.23 -18.28 -20.73
CA ALA A 141 9.37 -17.29 -20.10
C ALA A 141 8.12 -16.99 -20.95
N PRO A 142 8.30 -16.79 -22.28
CA PRO A 142 7.12 -16.51 -23.10
C PRO A 142 6.01 -17.55 -22.98
N GLN A 143 6.39 -18.83 -23.03
CA GLN A 143 5.42 -19.92 -22.92
C GLN A 143 4.72 -19.91 -21.56
N LYS A 144 5.51 -19.71 -20.51
CA LYS A 144 4.97 -19.70 -19.15
C LYS A 144 4.08 -18.49 -18.86
N ILE A 145 4.47 -17.31 -19.34
CA ILE A 145 3.66 -16.09 -19.15
C ILE A 145 2.30 -16.24 -19.88
N ALA A 146 2.35 -16.71 -21.11
CA ALA A 146 1.13 -16.84 -21.92
C ALA A 146 0.15 -17.85 -21.30
N SER A 147 0.68 -18.96 -20.81
CA SER A 147 -0.13 -20.00 -20.17
C SER A 147 -0.78 -19.51 -18.87
N LEU A 148 -0.02 -18.81 -18.03
CA LEU A 148 -0.58 -18.28 -16.79
C LEU A 148 -1.64 -17.21 -17.08
N ASN A 149 -1.36 -16.32 -18.02
CA ASN A 149 -2.34 -15.29 -18.37
C ASN A 149 -3.65 -15.86 -18.91
N ALA A 150 -3.56 -16.92 -19.71
CA ALA A 150 -4.78 -17.57 -20.22
C ALA A 150 -5.61 -18.16 -19.06
N ARG A 151 -4.93 -18.75 -18.08
CA ARG A 151 -5.56 -19.32 -16.91
C ARG A 151 -6.18 -18.23 -16.01
N LEU A 152 -5.47 -17.12 -15.84
CA LEU A 152 -6.00 -15.99 -15.05
C LEU A 152 -7.22 -15.36 -15.70
N LYS A 153 -7.18 -15.25 -17.01
CA LYS A 153 -8.30 -14.70 -17.78
C LYS A 153 -9.56 -15.52 -17.56
N ALA A 154 -9.40 -16.84 -17.63
CA ALA A 154 -10.54 -17.73 -17.45
C ALA A 154 -11.07 -17.65 -16.00
N TYR A 155 -10.17 -17.66 -15.03
CA TYR A 155 -10.54 -17.53 -13.62
C TYR A 155 -11.33 -16.24 -13.37
N ALA A 156 -10.82 -15.14 -13.91
CA ALA A 156 -11.49 -13.85 -13.80
C ALA A 156 -12.92 -13.91 -14.37
N GLN A 157 -13.08 -14.45 -15.56
CA GLN A 157 -14.41 -14.57 -16.15
C GLN A 157 -15.30 -15.53 -15.34
N THR A 158 -14.71 -16.61 -14.81
CA THR A 158 -15.44 -17.60 -14.01
C THR A 158 -16.06 -16.95 -12.77
N ASN A 159 -15.39 -15.93 -12.24
CA ASN A 159 -15.80 -15.29 -11.00
C ASN A 159 -16.26 -13.82 -11.15
N LYS A 160 -16.49 -13.39 -12.39
CA LYS A 160 -16.99 -12.04 -12.69
C LYS A 160 -16.06 -10.97 -12.11
N ILE A 161 -14.76 -11.13 -12.35
CA ILE A 161 -13.74 -10.18 -11.88
C ILE A 161 -13.17 -9.49 -13.11
N PRO A 162 -13.12 -8.14 -13.11
CA PRO A 162 -12.47 -7.48 -14.25
C PRO A 162 -11.03 -7.94 -14.47
N PHE A 163 -10.66 -8.13 -15.74
CA PHE A 163 -9.32 -8.59 -16.11
C PHE A 163 -8.76 -7.61 -17.12
N VAL A 164 -7.63 -6.99 -16.78
CA VAL A 164 -7.04 -5.96 -17.62
C VAL A 164 -5.85 -6.56 -18.39
N ASP A 165 -5.89 -6.43 -19.71
CA ASP A 165 -4.93 -7.09 -20.60
C ASP A 165 -3.82 -6.10 -20.99
N TYR A 166 -2.88 -5.86 -20.06
CA TYR A 166 -1.69 -5.07 -20.39
C TYR A 166 -0.91 -5.76 -21.52
N TYR A 167 -0.80 -7.08 -21.41
CA TYR A 167 0.01 -7.92 -22.29
C TYR A 167 -0.20 -7.68 -23.79
N SER A 168 -1.45 -7.76 -24.24
CA SER A 168 -1.76 -7.63 -25.67
C SER A 168 -1.39 -6.26 -26.24
N SER A 169 -1.42 -5.22 -25.43
CA SER A 169 -1.04 -3.88 -25.88
C SER A 169 0.47 -3.65 -25.84
N VAL A 171 3.04 -6.47 -25.99
CA VAL A 171 3.84 -7.55 -26.55
C VAL A 171 4.27 -7.22 -28.00
N SER A 172 5.44 -7.70 -28.41
CA SER A 172 5.87 -7.60 -29.81
C SER A 172 6.89 -8.67 -30.20
N GLY A 173 6.90 -9.02 -31.47
CA GLY A 173 7.85 -10.00 -32.01
C GLY A 173 7.41 -11.43 -31.78
N SER A 174 8.02 -12.35 -32.54
CA SER A 174 7.68 -13.77 -32.46
CA SER A 174 7.68 -13.77 -32.46
C SER A 174 8.13 -14.36 -31.12
N ASN A 175 9.14 -13.74 -30.51
CA ASN A 175 9.59 -14.15 -29.17
C ASN A 175 8.75 -13.58 -28.02
N LYS A 176 7.67 -12.86 -28.35
CA LYS A 176 6.77 -12.28 -27.34
C LYS A 176 7.53 -11.39 -26.36
N ALA A 177 8.38 -10.53 -26.89
CA ALA A 177 9.14 -9.59 -26.06
C ALA A 177 8.23 -8.47 -25.60
N LEU A 178 8.62 -7.82 -24.52
CA LEU A 178 8.06 -6.55 -24.17
C LEU A 178 8.57 -5.58 -25.22
N ASN A 179 7.65 -4.85 -25.84
CA ASN A 179 7.97 -3.92 -26.93
C ASN A 179 9.10 -2.95 -26.57
N PRO A 180 10.18 -2.92 -27.39
CA PRO A 180 11.32 -2.03 -27.14
C PRO A 180 10.93 -0.55 -27.02
N ALA A 181 9.80 -0.14 -27.62
CA ALA A 181 9.27 1.20 -27.39
C ALA A 181 8.87 1.46 -25.94
N TYR A 182 8.64 0.38 -25.18
CA TYR A 182 8.10 0.46 -23.83
C TYR A 182 9.06 -0.03 -22.73
N THR A 183 10.30 -0.34 -23.07
CA THR A 183 11.25 -0.88 -22.10
C THR A 183 12.69 -0.68 -22.56
N LYS A 184 13.62 -0.71 -21.61
CA LYS A 184 15.04 -0.71 -21.92
C LYS A 184 15.71 -2.05 -21.58
N ASP A 185 15.15 -2.81 -20.64
CA ASP A 185 15.77 -4.06 -20.20
C ASP A 185 14.97 -5.30 -20.53
N GLY A 186 13.85 -5.14 -21.24
CA GLY A 186 13.04 -6.27 -21.67
C GLY A 186 11.98 -6.71 -20.68
N VAL A 187 11.96 -6.09 -19.50
CA VAL A 187 11.07 -6.50 -18.43
C VAL A 187 10.30 -5.31 -17.83
N HIS A 188 11.03 -4.26 -17.45
CA HIS A 188 10.45 -3.11 -16.75
C HIS A 188 9.99 -2.05 -17.74
N PRO A 189 8.73 -1.59 -17.62
CA PRO A 189 8.28 -0.53 -18.51
C PRO A 189 9.01 0.80 -18.32
N THR A 190 9.12 1.56 -19.39
CA THR A 190 9.51 2.96 -19.35
C THR A 190 8.25 3.79 -19.21
N SER A 191 8.44 5.12 -19.14
CA SER A 191 7.33 6.07 -19.09
C SER A 191 6.26 5.77 -20.15
N GLU A 192 6.67 5.55 -21.39
CA GLU A 192 5.73 5.30 -22.47
CA GLU A 192 5.73 5.29 -22.49
C GLU A 192 4.95 4.00 -22.26
N GLY A 193 5.61 2.99 -21.69
CA GLY A 193 4.93 1.76 -21.34
C GLY A 193 3.88 1.97 -20.26
N TYR A 194 4.22 2.74 -19.24
CA TYR A 194 3.29 3.01 -18.15
C TYR A 194 2.09 3.83 -18.65
N ASP A 195 2.30 4.70 -19.63
CA ASP A 195 1.20 5.45 -20.25
C ASP A 195 0.12 4.50 -20.80
N VAL A 196 0.56 3.42 -21.41
CA VAL A 196 -0.35 2.41 -21.95
C VAL A 196 -1.13 1.74 -20.80
N GLU A 198 -1.69 2.92 -17.79
CA GLU A 198 -2.57 3.89 -17.12
C GLU A 198 -3.90 4.03 -17.84
N ASN A 199 -3.88 4.15 -19.16
CA ASN A 199 -5.11 4.21 -19.95
CA ASN A 199 -5.10 4.24 -19.96
C ASN A 199 -5.99 3.01 -19.70
N LEU A 200 -5.39 1.82 -19.72
CA LEU A 200 -6.12 0.59 -19.49
C LEU A 200 -6.66 0.47 -18.06
N ILE A 201 -5.82 0.69 -17.06
CA ILE A 201 -6.26 0.47 -15.68
C ILE A 201 -7.26 1.54 -15.23
N GLN A 202 -7.07 2.79 -15.63
CA GLN A 202 -8.00 3.88 -15.27
CA GLN A 202 -7.96 3.87 -15.23
C GLN A 202 -9.41 3.58 -15.65
N GLN A 203 -9.60 3.09 -16.88
CA GLN A 203 -10.93 2.76 -17.40
C GLN A 203 -11.58 1.62 -16.61
N ALA A 204 -10.78 0.63 -16.26
CA ALA A 204 -11.28 -0.51 -15.49
C ALA A 204 -11.67 -0.09 -14.05
N ILE A 205 -10.82 0.73 -13.43
CA ILE A 205 -11.08 1.24 -12.09
C ILE A 205 -12.37 2.08 -12.08
N ASN A 206 -12.49 3.04 -13.00
CA ASN A 206 -13.68 3.88 -13.07
C ASN A 206 -14.95 3.05 -13.33
N LYS A 207 -14.85 2.05 -14.19
CA LYS A 207 -15.97 1.15 -14.46
C LYS A 207 -16.40 0.37 -13.21
N THR A 208 -15.42 -0.19 -12.51
CA THR A 208 -15.68 -1.05 -11.34
C THR A 208 -16.20 -0.29 -10.13
N LEU A 209 -15.74 0.95 -9.93
CA LEU A 209 -16.16 1.75 -8.79
C LEU A 209 -17.32 2.68 -9.14
N ARG A 210 -17.80 2.58 -10.37
CA ARG A 210 -18.87 3.44 -10.88
C ARG A 210 -20.14 3.26 -10.06
N GLU B 3 17.18 -26.15 -4.16
CA GLU B 3 16.87 -24.70 -4.35
C GLU B 3 16.01 -24.19 -3.18
N LYS B 4 15.51 -22.97 -3.30
CA LYS B 4 14.80 -22.33 -2.20
C LYS B 4 13.38 -22.89 -2.09
N ASP B 5 12.90 -23.01 -0.87
CA ASP B 5 11.56 -23.54 -0.57
C ASP B 5 11.31 -23.14 0.88
N TRP B 6 11.11 -21.83 1.07
CA TRP B 6 11.00 -21.25 2.40
C TRP B 6 9.90 -21.87 3.26
N ALA B 7 8.77 -22.20 2.65
CA ALA B 7 7.65 -22.81 3.39
C ALA B 7 7.65 -24.34 3.37
N ASN B 8 8.67 -24.95 2.78
CA ASN B 8 8.82 -26.40 2.72
C ASN B 8 7.61 -27.11 2.11
N LEU B 9 7.21 -26.65 0.93
CA LEU B 9 6.15 -27.30 0.16
C LEU B 9 6.55 -28.71 -0.27
N GLN B 10 7.85 -28.96 -0.38
CA GLN B 10 8.35 -30.27 -0.75
C GLN B 10 8.03 -31.35 0.29
N ARG B 11 7.89 -30.96 1.55
CA ARG B 11 7.67 -31.93 2.62
C ARG B 11 6.49 -32.88 2.31
N TYR B 12 5.36 -32.32 1.90
CA TYR B 12 4.15 -33.14 1.66
C TYR B 12 3.72 -33.22 0.19
N ALA B 13 4.52 -32.67 -0.72
CA ALA B 13 4.12 -32.61 -2.14
C ALA B 13 3.74 -33.98 -2.74
N GLN B 14 4.59 -34.99 -2.56
CA GLN B 14 4.34 -36.32 -3.10
C GLN B 14 3.14 -36.97 -2.45
N GLN B 15 3.04 -36.83 -1.14
CA GLN B 15 1.94 -37.38 -0.35
C GLN B 15 0.61 -36.81 -0.79
N ASN B 16 0.58 -35.50 -0.94
CA ASN B 16 -0.64 -34.82 -1.38
C ASN B 16 -1.07 -35.33 -2.74
N ALA B 17 -0.11 -35.52 -3.63
CA ALA B 17 -0.38 -35.93 -5.00
C ALA B 17 -0.98 -37.33 -5.10
N GLU B 18 -0.65 -38.20 -4.15
CA GLU B 18 -1.12 -39.60 -4.16
CA GLU B 18 -1.13 -39.59 -4.18
C GLU B 18 -2.46 -39.78 -3.43
N LEU B 19 -2.90 -38.75 -2.71
CA LEU B 19 -4.17 -38.83 -1.96
C LEU B 19 -5.36 -38.68 -2.91
N PRO B 20 -6.21 -39.70 -2.99
CA PRO B 20 -7.40 -39.53 -3.82
C PRO B 20 -8.37 -38.52 -3.21
N LYS B 21 -9.26 -37.98 -4.02
CA LYS B 21 -10.29 -37.07 -3.53
C LYS B 21 -11.19 -37.83 -2.56
N PRO B 22 -11.64 -37.17 -1.49
CA PRO B 22 -12.47 -37.87 -0.52
C PRO B 22 -13.90 -38.07 -1.00
N ASP B 23 -14.64 -38.90 -0.28
CA ASP B 23 -16.11 -38.83 -0.23
C ASP B 23 -16.55 -37.95 0.98
N LYS B 24 -17.61 -37.16 0.83
CA LYS B 24 -18.20 -36.38 1.96
C LYS B 24 -18.34 -37.25 3.22
N ASN B 25 -18.85 -38.46 3.04
CA ASN B 25 -19.03 -39.37 4.18
C ASN B 25 -17.72 -39.86 4.81
N GLU B 26 -16.60 -39.72 4.10
CA GLU B 26 -15.28 -40.04 4.68
C GLU B 26 -14.86 -39.05 5.77
N LYS B 27 -15.36 -37.82 5.75
CA LYS B 27 -15.09 -36.82 6.79
C LYS B 27 -13.58 -36.63 6.92
N ARG B 28 -12.93 -36.20 5.84
CA ARG B 28 -11.51 -35.97 5.88
C ARG B 28 -11.18 -34.76 6.73
N VAL B 29 -10.32 -34.98 7.71
CA VAL B 29 -9.85 -33.92 8.59
C VAL B 29 -8.35 -33.74 8.43
N VAL B 30 -7.91 -32.51 8.22
CA VAL B 30 -6.48 -32.20 8.14
C VAL B 30 -6.07 -31.40 9.36
N PHE B 31 -4.94 -31.78 9.97
CA PHE B 31 -4.36 -31.06 11.10
C PHE B 31 -3.19 -30.22 10.61
N GLY B 33 -0.20 -27.50 11.50
CA GLY B 33 0.61 -27.06 12.61
C GLY B 33 2.10 -27.22 12.45
N ASN B 34 2.80 -27.16 13.57
CA ASN B 34 4.25 -27.17 13.64
C ASN B 34 4.73 -28.53 14.17
N SER B 35 5.81 -28.55 14.96
CA SER B 35 6.34 -29.81 15.52
C SER B 35 5.41 -30.47 16.54
N ILE B 36 4.52 -29.71 17.16
CA ILE B 36 3.53 -30.30 18.07
C ILE B 36 2.57 -31.20 17.28
N THR B 37 2.17 -30.75 16.10
CA THR B 37 1.29 -31.52 15.22
C THR B 37 2.07 -32.63 14.48
N GLU B 38 3.30 -32.33 14.06
CA GLU B 38 4.15 -33.34 13.42
C GLU B 38 4.46 -34.46 14.42
N GLY B 39 4.82 -34.08 15.64
CA GLY B 39 5.13 -35.03 16.71
C GLY B 39 3.93 -35.88 17.14
N TRP B 40 2.73 -35.33 16.97
CA TRP B 40 1.49 -36.06 17.27
C TRP B 40 1.39 -37.33 16.41
N VAL B 41 1.62 -37.16 15.11
CA VAL B 41 1.63 -38.28 14.16
C VAL B 41 2.78 -39.24 14.48
N ASN B 42 3.96 -38.71 14.79
CA ASN B 42 5.12 -39.54 15.12
C ASN B 42 4.90 -40.38 16.37
N THR B 43 4.19 -39.82 17.34
CA THR B 43 4.00 -40.46 18.65
C THR B 43 2.78 -41.38 18.64
N HIS B 44 1.66 -40.91 18.10
CA HIS B 44 0.44 -41.73 18.00
C HIS B 44 -0.02 -41.85 16.56
N PRO B 45 0.75 -42.58 15.74
CA PRO B 45 0.35 -42.70 14.34
C PRO B 45 -1.05 -43.30 14.16
N ASP B 46 -1.45 -44.17 15.07
CA ASP B 46 -2.74 -44.85 14.98
C ASP B 46 -3.93 -43.93 15.29
N PHE B 47 -3.69 -42.84 16.02
CA PHE B 47 -4.76 -41.86 16.25
C PHE B 47 -5.23 -41.34 14.90
N PHE B 48 -4.27 -41.07 14.03
CA PHE B 48 -4.56 -40.52 12.73
C PHE B 48 -5.11 -41.59 11.80
N LYS B 49 -4.45 -42.75 11.78
CA LYS B 49 -4.85 -43.82 10.87
C LYS B 49 -6.24 -44.34 11.16
N SER B 50 -6.52 -44.61 12.44
CA SER B 50 -7.80 -45.21 12.81
C SER B 50 -8.98 -44.25 12.63
N ASN B 51 -8.71 -42.94 12.64
CA ASN B 51 -9.76 -41.95 12.44
C ASN B 51 -9.86 -41.38 11.03
N GLY B 52 -8.90 -41.72 10.16
CA GLY B 52 -8.84 -41.10 8.84
C GLY B 52 -8.49 -39.61 8.92
N TYR B 53 -7.61 -39.27 9.86
CA TYR B 53 -7.11 -37.90 9.93
C TYR B 53 -5.77 -37.79 9.23
N ILE B 54 -5.51 -36.62 8.67
CA ILE B 54 -4.29 -36.35 7.92
CA ILE B 54 -4.30 -36.34 7.92
C ILE B 54 -3.46 -35.31 8.67
N GLY B 55 -2.23 -35.66 9.00
CA GLY B 55 -1.32 -34.74 9.69
C GLY B 55 -0.48 -33.97 8.70
N ARG B 56 -0.53 -32.64 8.79
CA ARG B 56 0.28 -31.79 7.92
C ARG B 56 1.16 -30.82 8.71
N GLY B 57 1.67 -31.29 9.83
CA GLY B 57 2.57 -30.50 10.67
C GLY B 57 3.99 -30.52 10.12
N ILE B 58 4.69 -29.40 10.29
CA ILE B 58 6.12 -29.29 9.95
C ILE B 58 6.84 -28.56 11.09
N GLY B 59 7.84 -29.22 11.66
CA GLY B 59 8.61 -28.70 12.79
C GLY B 59 9.28 -27.38 12.48
N GLY B 60 9.26 -26.47 13.46
CA GLY B 60 9.99 -25.20 13.35
C GLY B 60 9.22 -24.07 12.67
N GLN B 61 8.11 -24.40 12.02
CA GLN B 61 7.39 -23.43 11.20
C GLN B 61 6.53 -22.46 11.99
N THR B 62 6.43 -21.23 11.46
CA THR B 62 5.55 -20.20 11.99
C THR B 62 4.27 -20.08 11.16
N SER B 63 3.30 -19.33 11.68
CA SER B 63 2.05 -19.07 10.98
C SER B 63 2.24 -18.44 9.58
N TYR B 64 3.36 -17.74 9.39
CA TYR B 64 3.68 -17.12 8.11
C TYR B 64 3.91 -18.20 7.07
N GLN B 65 4.66 -19.23 7.45
CA GLN B 65 4.92 -20.38 6.59
C GLN B 65 3.66 -21.22 6.38
N PHE B 66 2.86 -21.39 7.44
CA PHE B 66 1.59 -22.11 7.34
C PHE B 66 0.72 -21.51 6.24
N LEU B 67 0.62 -20.18 6.21
CA LEU B 67 -0.21 -19.47 5.25
C LEU B 67 0.25 -19.77 3.81
N VAL B 68 1.56 -19.77 3.59
CA VAL B 68 2.09 -20.02 2.25
C VAL B 68 1.73 -21.43 1.78
N ARG B 69 1.76 -22.41 2.69
CA ARG B 69 1.45 -23.77 2.25
C ARG B 69 0.00 -24.21 2.51
N PHE B 70 -0.86 -23.28 2.90
CA PHE B 70 -2.22 -23.63 3.26
C PHE B 70 -3.01 -24.20 2.09
N ARG B 71 -2.90 -23.59 0.92
CA ARG B 71 -3.64 -24.09 -0.23
C ARG B 71 -3.22 -25.52 -0.59
N GLU B 72 -1.92 -25.77 -0.64
CA GLU B 72 -1.40 -27.06 -1.09
C GLU B 72 -1.62 -28.15 -0.04
N ASP B 73 -1.43 -27.83 1.23
CA ASP B 73 -1.46 -28.85 2.29
C ASP B 73 -2.81 -28.98 2.96
N VAL B 74 -3.72 -28.03 2.73
CA VAL B 74 -5.09 -28.12 3.27
C VAL B 74 -6.14 -28.05 2.16
N ILE B 75 -6.24 -26.93 1.46
CA ILE B 75 -7.36 -26.70 0.54
C ILE B 75 -7.42 -27.76 -0.56
N ASN B 76 -6.28 -28.04 -1.19
CA ASN B 76 -6.24 -29.01 -2.30
C ASN B 76 -6.53 -30.46 -1.90
N LEU B 77 -6.55 -30.75 -0.59
CA LEU B 77 -6.92 -32.08 -0.10
C LEU B 77 -8.44 -32.25 0.07
N SER B 78 -9.19 -31.18 -0.21
CA SER B 78 -10.66 -31.17 -0.10
C SER B 78 -11.16 -31.73 1.22
N PRO B 79 -10.60 -31.25 2.34
CA PRO B 79 -11.05 -31.77 3.62
C PRO B 79 -12.44 -31.23 3.97
N ALA B 80 -13.15 -32.00 4.80
CA ALA B 80 -14.38 -31.50 5.41
C ALA B 80 -14.05 -30.48 6.49
N LEU B 81 -12.87 -30.63 7.11
CA LEU B 81 -12.52 -29.86 8.28
CA LEU B 81 -12.52 -29.84 8.29
C LEU B 81 -11.01 -29.69 8.40
N VAL B 82 -10.57 -28.52 8.85
CA VAL B 82 -9.16 -28.29 9.18
C VAL B 82 -9.05 -27.89 10.66
N VAL B 83 -8.12 -28.54 11.37
CA VAL B 83 -7.78 -28.20 12.74
C VAL B 83 -6.47 -27.40 12.71
N ILE B 84 -6.50 -26.17 13.23
CA ILE B 84 -5.33 -25.27 13.19
C ILE B 84 -4.78 -25.08 14.60
N ASN B 85 -3.50 -25.44 14.76
CA ASN B 85 -2.75 -25.15 15.97
C ASN B 85 -1.49 -24.40 15.53
N ALA B 86 -1.32 -23.18 16.03
CA ALA B 86 -0.28 -22.30 15.51
C ALA B 86 0.28 -21.38 16.60
N ALA B 87 1.46 -20.83 16.31
CA ALA B 87 2.03 -19.65 16.99
C ALA B 87 3.12 -19.94 18.01
N THR B 88 3.28 -21.21 18.42
CA THR B 88 4.38 -21.55 19.31
C THR B 88 5.69 -20.96 18.77
N ASN B 89 5.97 -21.19 17.47
CA ASN B 89 7.23 -20.74 16.87
C ASN B 89 7.21 -19.26 16.46
N ASP B 90 6.02 -18.68 16.26
CA ASP B 90 5.91 -17.23 16.08
C ASP B 90 6.45 -16.52 17.32
N ILE B 91 6.02 -17.00 18.49
CA ILE B 91 6.38 -16.40 19.76
C ILE B 91 7.84 -16.71 20.08
N ALA B 92 8.33 -17.87 19.63
CA ALA B 92 9.76 -18.21 19.72
C ALA B 92 10.62 -17.43 18.72
N GLU B 93 9.96 -16.72 17.80
CA GLU B 93 10.61 -15.83 16.83
C GLU B 93 11.46 -16.58 15.81
N ASN B 94 10.99 -17.77 15.40
CA ASN B 94 11.72 -18.57 14.40
C ASN B 94 11.90 -17.88 13.04
N THR B 95 10.93 -17.06 12.61
CA THR B 95 11.06 -16.36 11.32
C THR B 95 11.14 -14.84 11.48
N GLY B 96 11.40 -14.36 12.70
CA GLY B 96 11.54 -12.93 12.97
C GLY B 96 10.82 -12.49 14.22
N ALA B 97 10.93 -11.19 14.53
CA ALA B 97 10.31 -10.60 15.71
C ALA B 97 8.81 -10.92 15.77
N TYR B 98 8.30 -11.15 16.99
CA TYR B 98 6.91 -11.49 17.16
C TYR B 98 6.04 -10.24 17.17
N HIS B 99 5.00 -10.26 16.32
CA HIS B 99 3.95 -9.23 16.30
C HIS B 99 2.63 -9.97 16.41
N GLU B 100 1.94 -9.80 17.53
CA GLU B 100 0.70 -10.52 17.74
C GLU B 100 -0.30 -10.21 16.63
N ASP B 101 -0.40 -8.95 16.22
CA ASP B 101 -1.33 -8.56 15.16
C ASP B 101 -1.13 -9.36 13.89
N ARG B 102 0.13 -9.60 13.52
CA ARG B 102 0.45 -10.29 12.27
C ARG B 102 0.23 -11.79 12.39
N THR B 103 0.68 -12.37 13.51
CA THR B 103 0.45 -13.79 13.75
C THR B 103 -1.04 -14.10 13.81
N PHE B 104 -1.80 -13.29 14.56
CA PHE B 104 -3.25 -13.42 14.60
C PHE B 104 -3.86 -13.30 13.22
N GLY B 105 -3.42 -12.28 12.49
CA GLY B 105 -3.87 -12.05 11.12
C GLY B 105 -3.61 -13.22 10.17
N ASN B 106 -2.49 -13.92 10.35
CA ASN B 106 -2.20 -15.10 9.53
C ASN B 106 -3.19 -16.22 9.77
N ILE B 107 -3.59 -16.37 11.03
CA ILE B 107 -4.58 -17.37 11.42
C ILE B 107 -5.96 -16.99 10.87
N VAL B 108 -6.32 -15.72 10.98
CA VAL B 108 -7.56 -15.23 10.36
C VAL B 108 -7.55 -15.48 8.84
N SER B 109 -6.41 -15.26 8.19
CA SER B 109 -6.31 -15.48 6.74
C SER B 109 -6.58 -16.96 6.40
N VAL B 111 -8.34 -19.08 8.21
CA VAL B 111 -9.77 -19.28 8.41
C VAL B 111 -10.60 -18.78 7.22
N GLU B 112 -10.28 -17.57 6.75
CA GLU B 112 -10.99 -16.98 5.63
C GLU B 112 -10.81 -17.81 4.35
N LEU B 113 -9.61 -18.34 4.13
CA LEU B 113 -9.38 -19.21 2.98
C LEU B 113 -10.15 -20.54 3.11
N ALA B 114 -10.16 -21.12 4.30
CA ALA B 114 -10.92 -22.34 4.56
C ALA B 114 -12.41 -22.13 4.26
N LYS B 115 -13.00 -21.07 4.81
CA LYS B 115 -14.41 -20.79 4.63
CA LYS B 115 -14.42 -20.79 4.64
C LYS B 115 -14.75 -20.50 3.17
N ALA B 116 -13.84 -19.80 2.48
CA ALA B 116 -14.02 -19.50 1.05
C ALA B 116 -14.07 -20.79 0.24
N ASN B 117 -13.46 -21.84 0.76
CA ASN B 117 -13.47 -23.14 0.10
C ASN B 117 -14.38 -24.17 0.81
N HIS B 118 -15.30 -23.69 1.64
CA HIS B 118 -16.32 -24.54 2.30
C HIS B 118 -15.70 -25.67 3.11
N ILE B 119 -14.62 -25.33 3.79
CA ILE B 119 -13.93 -26.21 4.73
C ILE B 119 -14.25 -25.68 6.13
N LYS B 120 -14.74 -26.55 6.99
CA LYS B 120 -15.00 -26.14 8.37
C LYS B 120 -13.69 -26.00 9.13
N VAL B 121 -13.74 -25.23 10.20
CA VAL B 121 -12.52 -24.91 10.95
C VAL B 121 -12.72 -25.22 12.42
N ILE B 122 -11.68 -25.78 13.03
CA ILE B 122 -11.58 -25.80 14.47
C ILE B 122 -10.29 -25.07 14.81
N LEU B 123 -10.41 -24.03 15.63
CA LEU B 123 -9.24 -23.31 16.12
C LEU B 123 -8.88 -23.90 17.47
N THR B 124 -7.60 -23.82 17.82
CA THR B 124 -7.12 -24.37 19.08
C THR B 124 -6.19 -23.37 19.74
N THR B 125 -6.06 -23.50 21.07
CA THR B 125 -5.10 -22.71 21.82
C THR B 125 -3.67 -23.15 21.50
N THR B 126 -2.81 -22.16 21.36
CA THR B 126 -1.38 -22.36 21.47
C THR B 126 -1.11 -23.01 22.82
N LEU B 127 -0.30 -24.06 22.83
CA LEU B 127 0.00 -24.77 24.07
C LEU B 127 0.81 -23.88 25.02
N PRO B 128 0.70 -24.14 26.33
CA PRO B 128 1.54 -23.42 27.28
C PRO B 128 3.03 -23.75 27.10
N ALA B 129 3.87 -22.76 27.37
CA ALA B 129 5.30 -22.95 27.47
C ALA B 129 5.86 -21.85 28.36
N ALA B 130 6.68 -22.24 29.32
CA ALA B 130 7.34 -21.26 30.18
C ALA B 130 8.47 -20.58 29.42
N ALA B 131 9.09 -21.33 28.51
CA ALA B 131 10.26 -20.88 27.79
C ALA B 131 10.52 -21.83 26.62
N PHE B 132 11.41 -21.42 25.72
CA PHE B 132 11.80 -22.25 24.58
C PHE B 132 13.29 -22.55 24.66
N GLY B 133 13.64 -23.83 24.72
CA GLY B 133 15.03 -24.26 24.83
C GLY B 133 15.93 -23.74 23.72
N TRP B 134 15.39 -23.68 22.51
CA TRP B 134 16.15 -23.22 21.34
C TRP B 134 16.26 -21.69 21.23
N ASN B 135 15.49 -20.96 22.03
CA ASN B 135 15.59 -19.50 22.07
C ASN B 135 15.32 -18.96 23.48
N PRO B 136 16.33 -19.08 24.36
CA PRO B 136 16.19 -18.62 25.74
C PRO B 136 16.05 -17.09 25.93
N SER B 137 16.28 -16.31 24.88
CA SER B 137 16.12 -14.86 24.98
C SER B 137 14.66 -14.44 25.18
N ILE B 138 13.70 -15.31 24.85
CA ILE B 138 12.28 -15.00 25.02
C ILE B 138 11.89 -15.26 26.48
N LYS B 139 11.67 -14.16 27.21
CA LYS B 139 11.41 -14.22 28.65
C LYS B 139 9.93 -14.08 29.01
N ASP B 140 9.08 -13.75 28.03
CA ASP B 140 7.68 -13.45 28.29
C ASP B 140 6.72 -14.30 27.43
N ALA B 141 7.12 -15.55 27.16
CA ALA B 141 6.27 -16.45 26.40
C ALA B 141 4.90 -16.64 27.06
N PRO B 142 4.86 -16.84 28.40
CA PRO B 142 3.55 -17.03 29.02
C PRO B 142 2.58 -15.88 28.76
N GLN B 143 3.04 -14.65 28.89
CA GLN B 143 2.22 -13.47 28.64
C GLN B 143 1.74 -13.43 27.18
N LYS B 144 2.64 -13.70 26.25
CA LYS B 144 2.31 -13.67 24.83
C LYS B 144 1.35 -14.79 24.42
N ILE B 145 1.56 -15.99 24.95
CA ILE B 145 0.69 -17.12 24.64
C ILE B 145 -0.73 -16.85 25.15
N ALA B 146 -0.84 -16.39 26.40
CA ALA B 146 -2.13 -16.13 27.01
C ALA B 146 -2.89 -15.03 26.26
N SER B 147 -2.18 -13.98 25.86
CA SER B 147 -2.79 -12.88 25.11
C SER B 147 -3.30 -13.32 23.73
N LEU B 148 -2.50 -14.09 23.00
CA LEU B 148 -2.92 -14.57 21.69
C LEU B 148 -4.11 -15.51 21.83
N ASN B 149 -4.07 -16.41 22.82
CA ASN B 149 -5.17 -17.35 23.04
C ASN B 149 -6.48 -16.63 23.39
N ALA B 150 -6.40 -15.56 24.18
CA ALA B 150 -7.58 -14.77 24.51
C ALA B 150 -8.18 -14.13 23.25
N ARG B 151 -7.30 -13.64 22.37
CA ARG B 151 -7.72 -13.01 21.13
C ARG B 151 -8.31 -14.03 20.15
N LEU B 152 -7.71 -15.22 20.07
CA LEU B 152 -8.23 -16.29 19.24
C LEU B 152 -9.59 -16.78 19.74
N LYS B 153 -9.73 -16.89 21.07
CA LYS B 153 -10.98 -17.29 21.68
C LYS B 153 -12.10 -16.34 21.30
N ALA B 154 -11.84 -15.04 21.38
CA ALA B 154 -12.85 -14.03 21.09
C ALA B 154 -13.23 -14.04 19.62
N TYR B 155 -12.22 -14.15 18.76
CA TYR B 155 -12.44 -14.29 17.34
C TYR B 155 -13.32 -15.50 17.03
N ALA B 156 -12.97 -16.65 17.60
CA ALA B 156 -13.71 -17.88 17.39
C ALA B 156 -15.19 -17.72 17.79
N GLN B 157 -15.43 -17.16 18.97
CA GLN B 157 -16.79 -16.99 19.44
C GLN B 157 -17.57 -15.99 18.58
N THR B 158 -16.91 -14.94 18.13
CA THR B 158 -17.56 -13.95 17.26
C THR B 158 -18.01 -14.57 15.93
N ASN B 159 -17.24 -15.54 15.43
CA ASN B 159 -17.48 -16.12 14.12
C ASN B 159 -18.02 -17.55 14.18
N LYS B 160 -18.43 -17.98 15.39
CA LYS B 160 -19.04 -19.29 15.61
C LYS B 160 -18.17 -20.42 15.09
N ILE B 161 -16.91 -20.36 15.49
CA ILE B 161 -15.92 -21.37 15.13
C ILE B 161 -15.58 -22.10 16.41
N PRO B 162 -15.66 -23.45 16.41
CA PRO B 162 -15.26 -24.17 17.63
C PRO B 162 -13.83 -23.86 18.04
N PHE B 163 -13.60 -23.70 19.34
CA PHE B 163 -12.30 -23.35 19.87
C PHE B 163 -11.95 -24.35 20.95
N VAL B 164 -10.87 -25.08 20.75
CA VAL B 164 -10.52 -26.18 21.65
C VAL B 164 -9.41 -25.71 22.56
N ASP B 165 -9.67 -25.83 23.86
CA ASP B 165 -8.77 -25.27 24.87
C ASP B 165 -7.82 -26.35 25.40
N TYR B 166 -6.81 -26.70 24.61
CA TYR B 166 -5.76 -27.60 25.08
C TYR B 166 -5.08 -26.98 26.31
N TYR B 167 -4.84 -25.67 26.23
CA TYR B 167 -4.06 -24.91 27.22
C TYR B 167 -4.51 -25.12 28.66
N SER B 168 -5.80 -24.95 28.93
CA SER B 168 -6.30 -25.06 30.31
C SER B 168 -6.16 -26.44 30.92
N SER B 169 -6.15 -27.48 30.09
CA SER B 169 -5.96 -28.85 30.59
C SER B 169 -4.49 -29.22 30.74
N VAL B 171 -1.75 -26.67 31.26
CA VAL B 171 -0.93 -25.65 31.93
C VAL B 171 -0.75 -26.02 33.41
N SER B 172 0.39 -25.65 33.99
CA SER B 172 0.60 -25.80 35.43
C SER B 172 1.63 -24.80 35.96
N GLY B 173 1.47 -24.43 37.22
CA GLY B 173 2.39 -23.53 37.91
C GLY B 173 2.11 -22.06 37.65
N SER B 174 2.66 -21.19 38.49
CA SER B 174 2.45 -19.74 38.35
CA SER B 174 2.47 -19.75 38.36
C SER B 174 3.16 -19.22 37.11
N ASN B 175 4.20 -19.92 36.65
CA ASN B 175 4.89 -19.56 35.40
C ASN B 175 4.18 -20.07 34.14
N LYS B 176 3.01 -20.70 34.30
CA LYS B 176 2.23 -21.21 33.17
C LYS B 176 3.04 -22.16 32.29
N ALA B 177 3.73 -23.11 32.93
CA ALA B 177 4.52 -24.11 32.21
C ALA B 177 3.60 -25.15 31.60
N LEU B 178 4.09 -25.82 30.57
CA LEU B 178 3.47 -27.06 30.11
C LEU B 178 3.74 -28.09 31.22
N ASN B 179 2.67 -28.72 31.70
CA ASN B 179 2.74 -29.67 32.80
C ASN B 179 3.83 -30.74 32.58
N PRO B 180 4.77 -30.87 33.53
CA PRO B 180 5.81 -31.90 33.44
C PRO B 180 5.29 -33.33 33.22
N ALA B 181 4.06 -33.61 33.62
CA ALA B 181 3.42 -34.90 33.34
C ALA B 181 3.21 -35.12 31.83
N TYR B 182 3.20 -34.04 31.08
CA TYR B 182 2.87 -34.06 29.65
C TYR B 182 4.03 -33.67 28.72
N THR B 183 5.24 -33.50 29.25
CA THR B 183 6.36 -33.04 28.44
C THR B 183 7.69 -33.39 29.08
N LYS B 184 8.73 -33.46 28.28
CA LYS B 184 10.10 -33.61 28.78
C LYS B 184 10.93 -32.35 28.57
N ASP B 185 10.58 -31.50 27.59
CA ASP B 185 11.38 -30.30 27.28
C ASP B 185 10.66 -28.98 27.53
N GLY B 186 9.44 -29.03 28.07
CA GLY B 186 8.68 -27.83 28.39
C GLY B 186 7.83 -27.28 27.26
N VAL B 187 7.90 -27.90 26.08
CA VAL B 187 7.22 -27.40 24.88
C VAL B 187 6.44 -28.50 24.17
N HIS B 188 7.11 -29.63 23.89
CA HIS B 188 6.53 -30.69 23.09
C HIS B 188 5.84 -31.74 23.97
N PRO B 189 4.58 -32.07 23.66
CA PRO B 189 3.91 -33.11 24.44
C PRO B 189 4.53 -34.50 24.32
N THR B 190 4.40 -35.27 25.39
CA THR B 190 4.66 -36.71 25.36
C THR B 190 3.36 -37.42 25.03
N SER B 191 3.43 -38.75 24.97
CA SER B 191 2.26 -39.61 24.78
C SER B 191 1.09 -39.21 25.70
N GLU B 192 1.37 -39.03 26.97
CA GLU B 192 0.33 -38.68 27.95
C GLU B 192 -0.30 -37.32 27.62
N GLY B 193 0.51 -36.38 27.17
CA GLY B 193 0.00 -35.07 26.75
C GLY B 193 -0.91 -35.19 25.54
N TYR B 194 -0.51 -36.02 24.56
CA TYR B 194 -1.32 -36.21 23.37
C TYR B 194 -2.64 -36.92 23.69
N ASP B 195 -2.65 -37.81 24.68
CA ASP B 195 -3.89 -38.43 25.19
C ASP B 195 -4.93 -37.38 25.61
N VAL B 196 -4.47 -36.33 26.30
CA VAL B 196 -5.33 -35.23 26.71
C VAL B 196 -5.89 -34.49 25.49
N GLU B 198 -6.16 -35.58 22.41
CA GLU B 198 -7.03 -36.45 21.62
C GLU B 198 -8.45 -36.45 22.14
N ASN B 199 -8.61 -36.57 23.45
CA ASN B 199 -9.93 -36.52 24.05
C ASN B 199 -10.65 -35.22 23.69
N LEU B 200 -9.95 -34.10 23.83
CA LEU B 200 -10.53 -32.80 23.53
C LEU B 200 -10.86 -32.63 22.05
N ILE B 201 -9.91 -32.94 21.17
CA ILE B 201 -10.12 -32.67 19.77
C ILE B 201 -11.16 -33.63 19.15
N GLN B 202 -11.14 -34.90 19.57
CA GLN B 202 -12.13 -35.87 19.08
C GLN B 202 -13.55 -35.41 19.26
N GLN B 203 -13.85 -34.92 20.46
CA GLN B 203 -15.18 -34.46 20.81
C GLN B 203 -15.61 -33.28 19.96
N ALA B 204 -14.68 -32.35 19.73
CA ALA B 204 -14.96 -31.17 18.92
C ALA B 204 -15.17 -31.54 17.46
N ILE B 205 -14.34 -32.45 16.94
CA ILE B 205 -14.49 -32.95 15.58
C ILE B 205 -15.84 -33.66 15.40
N ASN B 206 -16.16 -34.60 16.29
CA ASN B 206 -17.44 -35.31 16.19
C ASN B 206 -18.63 -34.37 16.27
N LYS B 207 -18.55 -33.38 17.16
CA LYS B 207 -19.62 -32.38 17.29
C LYS B 207 -19.80 -31.56 16.01
N THR B 208 -18.68 -31.11 15.44
CA THR B 208 -18.71 -30.24 14.28
C THR B 208 -19.15 -30.95 12.99
N LEU B 209 -18.81 -32.24 12.86
CA LEU B 209 -19.15 -33.01 11.65
C LEU B 209 -20.41 -33.87 11.75
N ARG B 210 -21.09 -33.86 12.91
CA ARG B 210 -22.23 -34.76 13.11
C ARG B 210 -23.38 -34.43 12.15
N GLU C 3 23.39 42.82 -15.55
CA GLU C 3 22.65 44.03 -16.02
C GLU C 3 21.26 44.06 -15.39
N LYS C 4 20.39 44.96 -15.87
CA LYS C 4 19.08 45.13 -15.29
C LYS C 4 18.16 43.98 -15.72
N ASP C 5 17.32 43.56 -14.79
CA ASP C 5 16.36 42.46 -15.00
C ASP C 5 15.41 42.58 -13.81
N TRP C 6 14.58 43.61 -13.86
CA TRP C 6 13.72 43.98 -12.74
C TRP C 6 12.82 42.84 -12.27
N ALA C 7 12.28 42.05 -13.20
CA ALA C 7 11.40 40.95 -12.83
C ALA C 7 12.12 39.60 -12.69
N ASN C 8 13.45 39.61 -12.82
CA ASN C 8 14.28 38.41 -12.68
C ASN C 8 13.84 37.25 -13.59
N LEU C 9 13.71 37.56 -14.87
CA LEU C 9 13.40 36.53 -15.89
C LEU C 9 14.54 35.51 -16.02
N GLN C 10 15.75 35.91 -15.64
CA GLN C 10 16.89 35.01 -15.72
CA GLN C 10 16.92 35.05 -15.70
C GLN C 10 16.80 33.85 -14.74
N ARG C 11 16.06 34.02 -13.65
CA ARG C 11 15.96 32.98 -12.62
C ARG C 11 15.55 31.61 -13.18
N TYR C 12 14.50 31.58 -14.00
CA TYR C 12 13.98 30.31 -14.55
C TYR C 12 14.19 30.11 -16.05
N ALA C 13 14.89 31.03 -16.70
CA ALA C 13 15.02 30.98 -18.17
C ALA C 13 15.57 29.64 -18.72
N GLN C 14 16.67 29.16 -18.15
CA GLN C 14 17.28 27.88 -18.58
C GLN C 14 16.39 26.66 -18.27
N GLN C 15 15.76 26.71 -17.10
CA GLN C 15 14.82 25.66 -16.66
C GLN C 15 13.61 25.56 -17.56
N ASN C 16 13.02 26.70 -17.87
CA ASN C 16 11.88 26.74 -18.77
C ASN C 16 12.24 26.16 -20.13
N ALA C 17 13.43 26.48 -20.61
CA ALA C 17 13.85 26.07 -21.94
C ALA C 17 14.02 24.56 -22.08
N GLU C 18 14.36 23.88 -20.98
CA GLU C 18 14.58 22.43 -21.00
CA GLU C 18 14.57 22.43 -21.05
C GLU C 18 13.29 21.63 -20.79
N LEU C 19 12.22 22.31 -20.39
CA LEU C 19 10.94 21.62 -20.16
C LEU C 19 10.24 21.31 -21.48
N PRO C 20 10.01 20.01 -21.78
CA PRO C 20 9.25 19.69 -23.00
C PRO C 20 7.78 20.10 -22.88
N LYS C 21 7.08 20.21 -24.01
CA LYS C 21 5.64 20.48 -23.99
C LYS C 21 4.92 19.32 -23.30
N PRO C 22 3.87 19.61 -22.50
CA PRO C 22 3.24 18.52 -21.76
C PRO C 22 2.38 17.63 -22.68
N ASP C 23 2.07 16.43 -22.19
CA ASP C 23 1.15 15.49 -22.83
C ASP C 23 -0.29 15.81 -22.46
N LYS C 24 -1.22 15.27 -23.25
CA LYS C 24 -2.66 15.53 -23.06
C LYS C 24 -3.11 15.28 -21.62
N ASN C 25 -2.70 14.15 -21.06
CA ASN C 25 -3.07 13.74 -19.69
C ASN C 25 -2.01 14.10 -18.64
N GLU C 26 -1.08 14.98 -18.98
CA GLU C 26 0.03 15.30 -18.07
C GLU C 26 -0.30 16.11 -16.80
N LYS C 27 -1.33 16.95 -16.87
CA LYS C 27 -1.78 17.74 -15.74
CA LYS C 27 -1.78 17.74 -15.73
C LYS C 27 -0.64 18.56 -15.12
N ARG C 28 0.06 19.31 -15.96
CA ARG C 28 1.12 20.17 -15.48
C ARG C 28 0.56 21.33 -14.67
N VAL C 29 1.02 21.47 -13.43
CA VAL C 29 0.59 22.55 -12.54
C VAL C 29 1.78 23.42 -12.20
N VAL C 30 1.62 24.73 -12.38
CA VAL C 30 2.68 25.69 -12.02
C VAL C 30 2.23 26.53 -10.82
N PHE C 31 3.11 26.67 -9.84
CA PHE C 31 2.87 27.51 -8.67
C PHE C 31 3.60 28.83 -8.86
N GLY C 33 4.45 32.57 -7.34
CA GLY C 33 4.51 33.27 -6.07
C GLY C 33 5.87 33.87 -5.72
N ASN C 34 6.01 34.18 -4.45
CA ASN C 34 7.19 34.85 -3.92
C ASN C 34 8.04 33.85 -3.11
N SER C 35 8.68 34.31 -2.03
CA SER C 35 9.53 33.44 -1.22
C SER C 35 8.75 32.35 -0.51
N ILE C 36 7.46 32.55 -0.31
CA ILE C 36 6.63 31.53 0.33
C ILE C 36 6.52 30.32 -0.60
N THR C 37 6.38 30.59 -1.89
CA THR C 37 6.34 29.56 -2.91
C THR C 37 7.73 29.00 -3.23
N GLU C 38 8.74 29.87 -3.26
CA GLU C 38 10.12 29.43 -3.47
C GLU C 38 10.59 28.55 -2.33
N GLY C 39 10.30 28.98 -1.10
CA GLY C 39 10.66 28.25 0.11
C GLY C 39 9.95 26.91 0.23
N TRP C 40 8.75 26.83 -0.34
CA TRP C 40 7.97 25.59 -0.37
C TRP C 40 8.76 24.48 -1.06
N VAL C 41 9.28 24.79 -2.25
CA VAL C 41 10.11 23.86 -3.01
C VAL C 41 11.39 23.55 -2.25
N ASN C 42 12.02 24.57 -1.67
CA ASN C 42 13.27 24.37 -0.91
C ASN C 42 13.08 23.47 0.30
N THR C 43 11.93 23.59 0.95
CA THR C 43 11.66 22.87 2.20
C THR C 43 11.09 21.47 1.93
N HIS C 44 10.12 21.38 1.03
CA HIS C 44 9.51 20.08 0.66
C HIS C 44 9.65 19.82 -0.85
N PRO C 45 10.88 19.59 -1.31
CA PRO C 45 11.06 19.36 -2.74
C PRO C 45 10.24 18.17 -3.28
N ASP C 46 10.02 17.16 -2.44
CA ASP C 46 9.29 15.96 -2.83
CA ASP C 46 9.30 15.96 -2.86
C ASP C 46 7.79 16.18 -3.00
N PHE C 47 7.26 17.22 -2.36
CA PHE C 47 5.85 17.57 -2.57
C PHE C 47 5.63 17.89 -4.05
N PHE C 48 6.57 18.64 -4.61
CA PHE C 48 6.50 19.04 -6.01
C PHE C 48 6.83 17.88 -6.93
N LYS C 49 7.90 17.16 -6.62
CA LYS C 49 8.34 16.07 -7.48
C LYS C 49 7.32 14.95 -7.54
N SER C 50 6.81 14.53 -6.39
CA SER C 50 5.90 13.38 -6.35
C SER C 50 4.54 13.69 -6.96
N ASN C 51 4.16 14.96 -7.02
CA ASN C 51 2.90 15.37 -7.64
C ASN C 51 3.03 15.88 -9.08
N GLY C 52 4.26 16.04 -9.58
CA GLY C 52 4.45 16.64 -10.91
C GLY C 52 4.06 18.12 -10.92
N TYR C 53 4.35 18.82 -9.83
CA TYR C 53 4.15 20.26 -9.80
C TYR C 53 5.46 21.01 -10.08
N ILE C 54 5.33 22.20 -10.67
CA ILE C 54 6.45 23.07 -11.03
C ILE C 54 6.39 24.32 -10.17
N GLY C 55 7.45 24.59 -9.43
CA GLY C 55 7.53 25.79 -8.59
C GLY C 55 8.19 26.93 -9.35
N ARG C 56 7.50 28.06 -9.45
CA ARG C 56 8.07 29.26 -10.09
C ARG C 56 8.05 30.48 -9.16
N GLY C 57 8.31 30.23 -7.88
CA GLY C 57 8.40 31.31 -6.91
C GLY C 57 9.75 32.00 -6.94
N ILE C 58 9.74 33.30 -6.67
CA ILE C 58 10.95 34.10 -6.55
C ILE C 58 10.81 35.04 -5.33
N GLY C 59 11.77 34.92 -4.41
CA GLY C 59 11.75 35.68 -3.15
C GLY C 59 11.78 37.17 -3.36
N GLY C 60 11.03 37.90 -2.52
CA GLY C 60 11.06 39.36 -2.53
C GLY C 60 10.12 40.01 -3.53
N GLN C 61 9.58 39.23 -4.46
CA GLN C 61 8.80 39.79 -5.57
C GLN C 61 7.37 40.16 -5.22
N THR C 62 6.89 41.22 -5.88
CA THR C 62 5.51 41.68 -5.77
C THR C 62 4.69 41.24 -6.98
N SER C 63 3.37 41.40 -6.89
CA SER C 63 2.45 41.07 -7.98
C SER C 63 2.80 41.80 -9.29
N TYR C 64 3.43 42.96 -9.17
CA TYR C 64 3.85 43.75 -10.34
C TYR C 64 4.92 42.98 -11.14
N GLN C 65 5.88 42.41 -10.41
CA GLN C 65 6.91 41.58 -11.02
C GLN C 65 6.36 40.25 -11.53
N PHE C 66 5.43 39.65 -10.80
CA PHE C 66 4.76 38.42 -11.23
C PHE C 66 4.16 38.60 -12.61
N LEU C 67 3.47 39.73 -12.81
CA LEU C 67 2.78 40.00 -14.07
C LEU C 67 3.78 40.06 -15.22
N VAL C 68 4.92 40.72 -15.00
CA VAL C 68 5.95 40.83 -16.04
C VAL C 68 6.48 39.46 -16.45
N ARG C 69 6.66 38.56 -15.50
CA ARG C 69 7.20 37.26 -15.86
C ARG C 69 6.13 36.16 -16.07
N PHE C 70 4.86 36.54 -16.08
CA PHE C 70 3.78 35.55 -16.15
C PHE C 70 3.81 34.76 -17.45
N ARG C 71 4.01 35.44 -18.57
CA ARG C 71 4.04 34.73 -19.86
C ARG C 71 5.19 33.70 -19.90
N GLU C 72 6.38 34.10 -19.47
CA GLU C 72 7.57 33.24 -19.56
C GLU C 72 7.54 32.09 -18.55
N ASP C 73 7.11 32.37 -17.33
CA ASP C 73 7.19 31.40 -16.24
C ASP C 73 5.90 30.60 -16.03
N VAL C 74 4.81 31.02 -16.66
CA VAL C 74 3.56 30.24 -16.60
C VAL C 74 3.06 29.89 -18.00
N ILE C 75 2.69 30.88 -18.80
CA ILE C 75 1.98 30.60 -20.05
C ILE C 75 2.80 29.75 -21.01
N ASN C 76 4.07 30.09 -21.19
CA ASN C 76 4.94 29.32 -22.11
C ASN C 76 5.24 27.88 -21.67
N LEU C 77 4.91 27.54 -20.43
CA LEU C 77 5.05 26.15 -19.94
C LEU C 77 3.83 25.29 -20.32
N SER C 78 2.82 25.90 -20.92
CA SER C 78 1.56 25.23 -21.28
C SER C 78 0.96 24.39 -20.15
N PRO C 79 0.84 24.95 -18.95
CA PRO C 79 0.26 24.22 -17.84
C PRO C 79 -1.23 24.00 -18.01
N ALA C 80 -1.74 22.94 -17.39
CA ALA C 80 -3.18 22.75 -17.27
C ALA C 80 -3.74 23.73 -16.23
N LEU C 81 -2.92 24.10 -15.25
CA LEU C 81 -3.38 24.85 -14.10
CA LEU C 81 -3.38 24.87 -14.11
C LEU C 81 -2.27 25.71 -13.53
N VAL C 82 -2.61 26.91 -13.09
CA VAL C 82 -1.69 27.76 -12.33
C VAL C 82 -2.30 28.08 -10.95
N VAL C 83 -1.48 27.91 -9.91
CA VAL C 83 -1.83 28.28 -8.54
C VAL C 83 -1.13 29.60 -8.25
N ILE C 84 -1.90 30.62 -7.87
CA ILE C 84 -1.36 31.95 -7.63
C ILE C 84 -1.46 32.30 -6.14
N ASN C 85 -0.31 32.58 -5.54
CA ASN C 85 -0.23 33.13 -4.20
C ASN C 85 0.59 34.41 -4.29
N ALA C 86 -0.02 35.53 -3.89
CA ALA C 86 0.58 36.83 -4.13
C ALA C 86 0.22 37.82 -3.02
N ALA C 87 1.02 38.88 -2.96
CA ALA C 87 0.70 40.14 -2.26
C ALA C 87 1.39 40.35 -0.93
N THR C 88 1.97 39.30 -0.35
CA THR C 88 2.76 39.50 0.86
C THR C 88 3.74 40.67 0.72
N ASN C 89 4.50 40.68 -0.38
CA ASN C 89 5.52 41.71 -0.59
C ASN C 89 4.94 43.02 -1.15
N ASP C 90 3.77 42.96 -1.78
CA ASP C 90 3.04 44.18 -2.15
C ASP C 90 2.73 44.97 -0.88
N ILE C 91 2.20 44.27 0.12
CA ILE C 91 1.78 44.90 1.38
C ILE C 91 3.02 45.32 2.18
N ALA C 92 4.12 44.59 2.04
CA ALA C 92 5.41 44.98 2.64
C ALA C 92 6.07 46.15 1.89
N GLU C 93 5.51 46.50 0.74
CA GLU C 93 5.94 47.64 -0.07
C GLU C 93 7.34 47.46 -0.67
N ASN C 94 7.66 46.23 -1.07
CA ASN C 94 8.96 45.94 -1.68
C ASN C 94 9.23 46.70 -2.98
N THR C 95 8.21 46.98 -3.77
CA THR C 95 8.40 47.74 -5.02
C THR C 95 7.69 49.10 -5.01
N GLY C 96 7.25 49.55 -3.83
CA GLY C 96 6.61 50.85 -3.70
C GLY C 96 5.39 50.82 -2.80
N ALA C 97 4.76 51.99 -2.63
CA ALA C 97 3.56 52.11 -1.80
C ALA C 97 2.49 51.09 -2.18
N TYR C 98 1.78 50.58 -1.19
CA TYR C 98 0.74 49.58 -1.44
C TYR C 98 -0.59 50.24 -1.84
N HIS C 99 -1.13 49.78 -2.97
CA HIS C 99 -2.45 50.18 -3.44
CA HIS C 99 -2.40 50.18 -3.51
C HIS C 99 -3.21 48.90 -3.72
N GLU C 100 -4.24 48.65 -2.91
CA GLU C 100 -4.98 47.39 -3.03
C GLU C 100 -5.56 47.24 -4.43
N ASP C 101 -6.09 48.33 -4.99
CA ASP C 101 -6.70 48.30 -6.31
C ASP C 101 -5.71 47.78 -7.37
N ARG C 102 -4.46 48.22 -7.29
CA ARG C 102 -3.45 47.84 -8.27
C ARG C 102 -2.95 46.42 -8.07
N THR C 103 -2.69 46.06 -6.81
CA THR C 103 -2.28 44.69 -6.50
C THR C 103 -3.37 43.71 -6.91
N PHE C 104 -4.62 43.99 -6.52
CA PHE C 104 -5.75 43.16 -6.93
C PHE C 104 -5.82 43.06 -8.46
N GLY C 105 -5.68 44.21 -9.13
CA GLY C 105 -5.71 44.29 -10.57
C GLY C 105 -4.63 43.47 -11.27
N ASN C 106 -3.45 43.39 -10.66
CA ASN C 106 -2.37 42.55 -11.19
C ASN C 106 -2.75 41.09 -11.16
N ILE C 107 -3.44 40.69 -10.10
CA ILE C 107 -3.88 39.31 -9.94
C ILE C 107 -4.98 39.02 -10.97
N VAL C 108 -5.90 39.96 -11.14
CA VAL C 108 -6.94 39.82 -12.16
C VAL C 108 -6.30 39.70 -13.56
N SER C 109 -5.26 40.49 -13.83
CA SER C 109 -4.56 40.43 -15.13
C SER C 109 -3.98 39.06 -15.37
N VAL C 111 -5.06 36.27 -14.03
CA VAL C 111 -6.20 35.37 -14.26
C VAL C 111 -6.70 35.48 -15.71
N GLU C 112 -6.85 36.71 -16.19
CA GLU C 112 -7.32 36.94 -17.53
C GLU C 112 -6.34 36.40 -18.58
N LEU C 113 -5.04 36.52 -18.34
CA LEU C 113 -4.05 35.96 -19.25
C LEU C 113 -4.08 34.42 -19.24
N ALA C 114 -4.21 33.84 -18.04
CA ALA C 114 -4.35 32.39 -17.92
C ALA C 114 -5.57 31.88 -18.70
N LYS C 115 -6.73 32.49 -18.50
CA LYS C 115 -7.96 32.05 -19.17
C LYS C 115 -7.89 32.27 -20.69
N ALA C 116 -7.25 33.33 -21.12
CA ALA C 116 -7.04 33.59 -22.55
C ALA C 116 -6.20 32.49 -23.19
N ASN C 117 -5.36 31.84 -22.40
CA ASN C 117 -4.53 30.75 -22.87
C ASN C 117 -5.02 29.36 -22.42
N HIS C 118 -6.28 29.28 -21.98
CA HIS C 118 -6.92 28.03 -21.59
C HIS C 118 -6.18 27.30 -20.46
N ILE C 119 -5.69 28.08 -19.51
CA ILE C 119 -5.06 27.57 -18.31
C ILE C 119 -6.04 27.78 -17.17
N LYS C 120 -6.34 26.73 -16.41
CA LYS C 120 -7.20 26.88 -15.23
C LYS C 120 -6.45 27.58 -14.11
N VAL C 121 -7.21 28.15 -13.18
CA VAL C 121 -6.63 28.95 -12.12
C VAL C 121 -7.14 28.49 -10.75
N ILE C 122 -6.23 28.45 -9.76
CA ILE C 122 -6.61 28.40 -8.37
C ILE C 122 -6.04 29.64 -7.72
N LEU C 123 -6.90 30.44 -7.10
CA LEU C 123 -6.46 31.59 -6.34
C LEU C 123 -6.35 31.17 -4.87
N THR C 124 -5.47 31.84 -4.15
CA THR C 124 -5.22 31.51 -2.75
C THR C 124 -5.15 32.78 -1.93
N THR C 125 -5.41 32.63 -0.63
CA THR C 125 -5.25 33.74 0.29
C THR C 125 -3.79 34.07 0.50
N THR C 126 -3.50 35.37 0.53
CA THR C 126 -2.27 35.86 1.12
C THR C 126 -2.19 35.36 2.56
N LEU C 127 -1.03 34.85 2.94
CA LEU C 127 -0.84 34.31 4.28
C LEU C 127 -0.91 35.42 5.33
N PRO C 128 -1.28 35.04 6.58
CA PRO C 128 -1.28 36.04 7.64
C PRO C 128 0.14 36.49 8.00
N ALA C 129 0.26 37.75 8.42
CA ALA C 129 1.48 38.28 9.00
C ALA C 129 1.10 39.44 9.91
N ALA C 130 1.62 39.45 11.13
CA ALA C 130 1.42 40.57 12.06
C ALA C 130 2.26 41.75 11.63
N ALA C 131 3.42 41.45 11.05
CA ALA C 131 4.41 42.45 10.67
C ALA C 131 5.47 41.83 9.78
N PHE C 132 6.30 42.68 9.18
CA PHE C 132 7.39 42.21 8.30
C PHE C 132 8.70 42.67 8.91
N GLY C 133 9.58 41.70 9.22
CA GLY C 133 10.89 42.01 9.82
C GLY C 133 11.75 42.97 9.02
N TRP C 134 11.69 42.85 7.69
CA TRP C 134 12.46 43.69 6.80
C TRP C 134 11.84 45.09 6.55
N ASN C 135 10.59 45.30 6.97
CA ASN C 135 9.94 46.61 6.88
C ASN C 135 9.01 46.87 8.06
N PRO C 136 9.58 47.22 9.23
CA PRO C 136 8.76 47.43 10.42
C PRO C 136 7.86 48.67 10.39
N SER C 137 8.02 49.54 9.39
CA SER C 137 7.15 50.70 9.26
C SER C 137 5.70 50.34 8.92
N ILE C 138 5.47 49.13 8.42
CA ILE C 138 4.11 48.68 8.07
C ILE C 138 3.41 48.19 9.34
N LYS C 139 2.47 49.00 9.84
CA LYS C 139 1.79 48.72 11.11
C LYS C 139 0.41 48.11 10.96
N ASP C 140 -0.11 48.05 9.72
CA ASP C 140 -1.48 47.61 9.47
C ASP C 140 -1.54 46.46 8.46
N ALA C 141 -0.52 45.59 8.47
CA ALA C 141 -0.51 44.42 7.58
C ALA C 141 -1.76 43.56 7.79
N PRO C 142 -2.17 43.31 9.07
CA PRO C 142 -3.33 42.44 9.27
C PRO C 142 -4.59 42.97 8.57
N GLN C 143 -4.83 44.27 8.67
CA GLN C 143 -5.97 44.91 8.01
CA GLN C 143 -5.97 44.91 8.03
C GLN C 143 -5.90 44.75 6.51
N LYS C 144 -4.72 45.02 5.95
CA LYS C 144 -4.53 44.99 4.51
C LYS C 144 -4.65 43.59 3.94
N ILE C 145 -4.08 42.61 4.65
CA ILE C 145 -4.14 41.21 4.21
C ILE C 145 -5.59 40.72 4.20
N ALA C 146 -6.30 41.00 5.28
CA ALA C 146 -7.70 40.57 5.40
C ALA C 146 -8.59 41.20 4.34
N SER C 147 -8.38 42.48 4.08
CA SER C 147 -9.17 43.19 3.04
C SER C 147 -8.90 42.64 1.64
N LEU C 148 -7.64 42.41 1.30
CA LEU C 148 -7.32 41.87 -0.02
C LEU C 148 -7.90 40.46 -0.17
N ASN C 149 -7.77 39.63 0.87
CA ASN C 149 -8.30 38.28 0.83
C ASN C 149 -9.83 38.24 0.66
N ALA C 150 -10.54 39.16 1.32
CA ALA C 150 -11.99 39.27 1.15
C ALA C 150 -12.36 39.63 -0.28
N ARG C 151 -11.60 40.54 -0.87
CA ARG C 151 -11.82 40.95 -2.25
C ARG C 151 -11.49 39.83 -3.24
N LEU C 152 -10.42 39.09 -3.00
CA LEU C 152 -10.05 37.96 -3.86
C LEU C 152 -11.09 36.85 -3.78
N LYS C 153 -11.59 36.60 -2.57
CA LYS C 153 -12.61 35.58 -2.34
C LYS C 153 -13.87 35.88 -3.16
N ALA C 154 -14.30 37.14 -3.14
CA ALA C 154 -15.50 37.56 -3.88
C ALA C 154 -15.28 37.47 -5.39
N TYR C 155 -14.12 37.92 -5.85
CA TYR C 155 -13.75 37.80 -7.26
C TYR C 155 -13.79 36.34 -7.70
N ALA C 156 -13.18 35.46 -6.91
CA ALA C 156 -13.12 34.04 -7.23
C ALA C 156 -14.52 33.43 -7.36
N GLN C 157 -15.38 33.72 -6.38
CA GLN C 157 -16.74 33.19 -6.42
C GLN C 157 -17.54 33.74 -7.60
N THR C 158 -17.35 35.02 -7.92
CA THR C 158 -18.04 35.64 -9.06
C THR C 158 -17.66 34.96 -10.38
N ASN C 159 -16.41 34.52 -10.49
CA ASN C 159 -15.88 33.99 -11.75
C ASN C 159 -15.69 32.47 -11.72
N LYS C 160 -16.23 31.82 -10.68
CA LYS C 160 -16.17 30.37 -10.53
C LYS C 160 -14.75 29.85 -10.59
N ILE C 161 -13.88 30.48 -9.81
CA ILE C 161 -12.48 30.09 -9.69
C ILE C 161 -12.29 29.53 -8.28
N PRO C 162 -11.71 28.33 -8.15
CA PRO C 162 -11.45 27.82 -6.80
C PRO C 162 -10.58 28.77 -5.98
N PHE C 163 -10.90 28.92 -4.70
CA PHE C 163 -10.19 29.82 -3.81
C PHE C 163 -9.77 29.02 -2.56
N VAL C 164 -8.47 28.94 -2.31
CA VAL C 164 -7.96 28.12 -1.23
C VAL C 164 -7.57 29.00 -0.05
N ASP C 165 -8.14 28.68 1.12
CA ASP C 165 -8.01 29.53 2.29
C ASP C 165 -6.88 29.02 3.21
N TYR C 166 -5.63 29.27 2.83
CA TYR C 166 -4.50 28.98 3.71
C TYR C 166 -4.66 29.77 5.01
N TYR C 167 -5.06 31.03 4.87
CA TYR C 167 -5.11 31.99 5.97
C TYR C 167 -5.83 31.48 7.21
N SER C 168 -7.06 30.99 7.05
CA SER C 168 -7.87 30.57 8.20
C SER C 168 -7.26 29.42 8.98
N SER C 169 -6.48 28.57 8.31
CA SER C 169 -5.84 27.44 9.00
C SER C 169 -4.51 27.83 9.64
N VAL C 171 -3.67 31.35 10.70
CA VAL C 171 -3.73 32.57 11.50
C VAL C 171 -3.86 32.23 12.99
N SER C 172 -3.29 33.06 13.86
CA SER C 172 -3.52 32.94 15.29
C SER C 172 -3.38 34.27 16.01
N GLY C 173 -4.11 34.41 17.10
CA GLY C 173 -4.06 35.59 17.95
C GLY C 173 -4.91 36.73 17.44
N SER C 174 -5.18 37.69 18.32
CA SER C 174 -5.99 38.85 17.98
C SER C 174 -5.26 39.75 16.98
N ASN C 175 -3.94 39.69 16.97
CA ASN C 175 -3.12 40.44 15.99
C ASN C 175 -3.00 39.74 14.63
N LYS C 176 -3.68 38.61 14.46
CA LYS C 176 -3.69 37.88 13.20
C LYS C 176 -2.30 37.52 12.74
N ALA C 177 -1.49 37.00 13.65
CA ALA C 177 -0.13 36.58 13.34
C ALA C 177 -0.17 35.27 12.58
N LEU C 178 0.89 35.00 11.83
CA LEU C 178 1.15 33.66 11.34
C LEU C 178 1.51 32.84 12.57
N ASN C 179 0.81 31.73 12.76
CA ASN C 179 0.98 30.90 13.94
C ASN C 179 2.45 30.56 14.19
N PRO C 180 2.99 30.89 15.38
CA PRO C 180 4.38 30.53 15.74
C PRO C 180 4.72 29.04 15.56
N ALA C 181 3.73 28.16 15.60
CA ALA C 181 3.94 26.73 15.29
C ALA C 181 4.36 26.51 13.82
N TYR C 182 4.05 27.49 12.97
CA TYR C 182 4.23 27.38 11.53
C TYR C 182 5.28 28.32 10.94
N THR C 183 6.03 29.05 11.79
CA THR C 183 6.98 30.05 11.30
C THR C 183 8.01 30.39 12.35
N LYS C 184 9.17 30.88 11.90
CA LYS C 184 10.20 31.39 12.79
C LYS C 184 10.36 32.90 12.71
N ASP C 185 9.94 33.51 11.61
CA ASP C 185 10.10 34.96 11.44
C ASP C 185 8.78 35.73 11.31
N GLY C 186 7.65 35.05 11.46
CA GLY C 186 6.34 35.70 11.41
C GLY C 186 5.73 35.81 10.03
N VAL C 187 6.46 35.37 9.01
CA VAL C 187 6.04 35.52 7.61
C VAL C 187 6.19 34.24 6.80
N HIS C 188 7.37 33.61 6.86
CA HIS C 188 7.68 32.43 6.04
C HIS C 188 7.35 31.13 6.78
N PRO C 189 6.57 30.23 6.13
CA PRO C 189 6.26 28.99 6.79
C PRO C 189 7.48 28.09 7.02
N THR C 190 7.41 27.30 8.08
CA THR C 190 8.31 26.18 8.31
C THR C 190 7.66 24.92 7.72
N SER C 191 8.36 23.81 7.83
CA SER C 191 7.86 22.50 7.40
C SER C 191 6.42 22.25 7.85
N GLU C 192 6.15 22.49 9.12
CA GLU C 192 4.82 22.23 9.68
CA GLU C 192 4.82 22.27 9.72
C GLU C 192 3.76 23.12 9.04
N GLY C 193 4.12 24.37 8.75
CA GLY C 193 3.22 25.26 8.03
C GLY C 193 2.93 24.79 6.62
N TYR C 194 3.98 24.33 5.92
CA TYR C 194 3.78 23.83 4.56
C TYR C 194 2.91 22.56 4.54
N ASP C 195 3.01 21.73 5.58
CA ASP C 195 2.13 20.55 5.71
C ASP C 195 0.66 20.92 5.63
N VAL C 196 0.31 22.02 6.30
CA VAL C 196 -1.06 22.53 6.29
C VAL C 196 -1.47 22.99 4.88
N GLU C 198 -0.17 22.05 2.03
CA GLU C 198 -0.20 20.91 1.10
C GLU C 198 -1.52 20.17 1.13
N ASN C 199 -2.04 19.91 2.32
CA ASN C 199 -3.33 19.28 2.46
CA ASN C 199 -3.34 19.27 2.46
C ASN C 199 -4.40 20.06 1.73
N LEU C 200 -4.42 21.38 1.95
CA LEU C 200 -5.42 22.25 1.31
C LEU C 200 -5.27 22.33 -0.21
N ILE C 201 -4.06 22.59 -0.70
CA ILE C 201 -3.89 22.80 -2.14
C ILE C 201 -4.03 21.51 -2.95
N GLN C 202 -3.54 20.40 -2.42
CA GLN C 202 -3.65 19.10 -3.09
C GLN C 202 -5.10 18.72 -3.39
N GLN C 203 -6.00 18.93 -2.42
CA GLN C 203 -7.42 18.66 -2.60
C GLN C 203 -8.05 19.52 -3.69
N ALA C 204 -7.68 20.80 -3.71
CA ALA C 204 -8.23 21.75 -4.68
C ALA C 204 -7.76 21.42 -6.08
N ILE C 205 -6.47 21.09 -6.21
CA ILE C 205 -5.90 20.69 -7.50
C ILE C 205 -6.58 19.42 -8.01
N ASN C 206 -6.66 18.39 -7.18
CA ASN C 206 -7.30 17.13 -7.60
C ASN C 206 -8.76 17.34 -8.00
N LYS C 207 -9.48 18.17 -7.25
CA LYS C 207 -10.86 18.50 -7.58
C LYS C 207 -10.98 19.22 -8.93
N THR C 208 -10.12 20.21 -9.16
CA THR C 208 -10.19 21.05 -10.36
C THR C 208 -9.79 20.31 -11.64
N LEU C 209 -8.85 19.37 -11.52
CA LEU C 209 -8.35 18.62 -12.68
C LEU C 209 -8.98 17.23 -12.88
N ARG C 210 -9.93 16.86 -12.02
CA ARG C 210 -10.57 15.54 -12.10
C ARG C 210 -11.31 15.36 -13.43
#